data_4IU0
#
_entry.id   4IU0
#
_cell.length_a   89.398
_cell.length_b   89.398
_cell.length_c   114.420
_cell.angle_alpha   90.00
_cell.angle_beta   90.00
_cell.angle_gamma   120.00
#
_symmetry.space_group_name_H-M   'H 3'
#
loop_
_entity.id
_entity.type
_entity.pdbx_description
1 polymer Arginase
2 non-polymer 'MANGANESE (II) ION'
3 non-polymer '2(S)-AMINO-6-BORONOHEXANOIC ACID'
4 non-polymer GLYCEROL
5 water water
#
_entity_poly.entity_id   1
_entity_poly.type   'polypeptide(L)'
_entity_poly.pdbx_seq_one_letter_code
;MRGSHHHHHHGMAKKMSIVLAPFSGGQPHSGVELGPDYLLKQGLQQDMEKLGWDTRLERVFDGKVVEARKASDNGDRIGR
VKRPRLTAECTEKIYKCVRRVAEQGRFPLTIGGDHSIALGTVAGVLSVHPDAGVIWVDAHADINTMSGTVSGNLHGCPLS
ILLGLDRENIPECFSWVPQVLKPNKIAYIGLRAVDDEEKKILHDLNIAAFSMHHVDRYGIDKVVSMAIEAVSPKGTEPVM
VSYDVDTIDPLYVPATGTPVRGGLSFREALFLCERIAECGRLVALDVVECNPLLAATESHVNDTISVGCAIARCMMGETL
LYTPHTSSKL
;
_entity_poly.pdbx_strand_id   A
#
# COMPACT_ATOMS: atom_id res chain seq x y z
N LYS A 14 -17.11 15.94 0.47
CA LYS A 14 -16.37 14.86 1.17
C LYS A 14 -17.05 13.50 1.03
N LYS A 15 -16.78 12.83 -0.09
CA LYS A 15 -17.34 11.52 -0.38
C LYS A 15 -16.19 10.50 -0.39
N MET A 16 -16.32 9.47 0.42
CA MET A 16 -15.29 8.44 0.50
C MET A 16 -15.88 7.04 0.33
N SER A 17 -15.09 6.18 -0.30
CA SER A 17 -15.47 4.78 -0.51
C SER A 17 -14.35 3.96 0.11
N ILE A 18 -14.68 3.17 1.13
CA ILE A 18 -13.69 2.35 1.79
C ILE A 18 -13.66 1.01 1.06
N VAL A 19 -12.65 0.82 0.21
CA VAL A 19 -12.53 -0.40 -0.57
C VAL A 19 -11.97 -1.56 0.27
N LEU A 20 -12.76 -2.62 0.39
CA LEU A 20 -12.34 -3.79 1.15
C LEU A 20 -11.61 -4.76 0.25
N ALA A 21 -10.32 -4.96 0.50
CA ALA A 21 -9.52 -5.87 -0.31
C ALA A 21 -8.83 -6.92 0.56
N PRO A 22 -9.60 -7.93 1.03
CA PRO A 22 -9.13 -9.03 1.88
C PRO A 22 -8.40 -10.10 1.04
N PHE A 23 -7.22 -9.75 0.57
CA PHE A 23 -6.42 -10.63 -0.27
C PHE A 23 -5.08 -10.97 0.43
N SER A 24 -4.65 -12.23 0.31
CA SER A 24 -3.39 -12.68 0.91
C SER A 24 -2.56 -13.48 -0.07
N GLY A 25 -3.00 -13.53 -1.32
CA GLY A 25 -2.30 -14.28 -2.34
C GLY A 25 -0.95 -13.72 -2.75
N GLY A 26 -0.63 -12.50 -2.35
CA GLY A 26 0.65 -11.92 -2.70
C GLY A 26 1.76 -12.40 -1.79
N GLN A 27 1.39 -13.17 -0.76
CA GLN A 27 2.35 -13.68 0.20
C GLN A 27 1.94 -15.07 0.73
N PRO A 28 2.80 -15.69 1.56
CA PRO A 28 2.56 -17.02 2.14
C PRO A 28 1.58 -17.13 3.32
N HIS A 29 1.78 -16.28 4.33
CA HIS A 29 0.98 -16.31 5.56
C HIS A 29 -0.49 -15.87 5.51
N SER A 30 -1.34 -16.76 5.99
CA SER A 30 -2.77 -16.52 6.07
C SER A 30 -3.01 -15.51 7.19
N GLY A 31 -4.16 -14.84 7.16
CA GLY A 31 -4.47 -13.88 8.19
C GLY A 31 -4.57 -12.44 7.73
N VAL A 32 -3.72 -12.06 6.77
CA VAL A 32 -3.73 -10.69 6.27
C VAL A 32 -5.07 -10.31 5.59
N GLU A 33 -5.83 -11.31 5.15
CA GLU A 33 -7.13 -11.05 4.51
C GLU A 33 -8.13 -10.63 5.58
N LEU A 34 -7.75 -10.79 6.84
CA LEU A 34 -8.60 -10.42 7.97
C LEU A 34 -8.45 -8.94 8.31
N GLY A 35 -7.50 -8.30 7.64
CA GLY A 35 -7.24 -6.89 7.89
C GLY A 35 -8.48 -6.03 7.76
N PRO A 36 -9.12 -5.97 6.58
CA PRO A 36 -10.32 -5.15 6.37
C PRO A 36 -11.36 -5.27 7.49
N ASP A 37 -11.78 -6.50 7.79
CA ASP A 37 -12.77 -6.74 8.84
C ASP A 37 -12.31 -6.18 10.18
N TYR A 38 -11.07 -6.52 10.56
CA TYR A 38 -10.48 -6.06 11.80
C TYR A 38 -10.45 -4.54 11.93
N LEU A 39 -10.03 -3.86 10.86
CA LEU A 39 -9.98 -2.41 10.89
C LEU A 39 -11.39 -1.86 11.08
N LEU A 40 -12.35 -2.43 10.38
CA LEU A 40 -13.73 -1.98 10.49
C LEU A 40 -14.32 -2.22 11.88
N LYS A 41 -13.81 -3.23 12.58
CA LYS A 41 -14.29 -3.52 13.93
C LYS A 41 -13.78 -2.42 14.85
N GLN A 42 -12.58 -1.94 14.57
CA GLN A 42 -11.98 -0.86 15.35
C GLN A 42 -12.80 0.40 15.15
N GLY A 43 -13.64 0.39 14.11
CA GLY A 43 -14.47 1.54 13.83
C GLY A 43 -13.85 2.49 12.83
N LEU A 44 -13.25 1.94 11.79
CA LEU A 44 -12.62 2.75 10.75
C LEU A 44 -13.64 3.66 10.08
N GLN A 45 -14.81 3.12 9.74
CA GLN A 45 -15.85 3.91 9.08
C GLN A 45 -16.41 5.02 9.96
N GLN A 46 -16.70 4.70 11.23
CA GLN A 46 -17.22 5.69 12.18
C GLN A 46 -16.21 6.85 12.34
N ASP A 47 -14.92 6.52 12.32
CA ASP A 47 -13.87 7.52 12.44
C ASP A 47 -13.87 8.46 11.23
N MET A 48 -14.02 7.88 10.05
CA MET A 48 -14.02 8.65 8.81
C MET A 48 -15.26 9.54 8.77
N GLU A 49 -16.38 8.98 9.21
CA GLU A 49 -17.64 9.72 9.25
C GLU A 49 -17.49 10.90 10.23
N LYS A 50 -16.84 10.62 11.37
CA LYS A 50 -16.60 11.61 12.41
C LYS A 50 -15.65 12.71 11.93
N LEU A 51 -14.87 12.41 10.89
CA LEU A 51 -13.95 13.40 10.33
C LEU A 51 -14.68 14.17 9.24
N GLY A 52 -16.00 13.96 9.15
CA GLY A 52 -16.83 14.65 8.19
C GLY A 52 -17.01 13.99 6.83
N TRP A 53 -16.47 12.79 6.68
CA TRP A 53 -16.59 12.09 5.41
C TRP A 53 -17.87 11.29 5.28
N ASP A 54 -18.46 11.33 4.09
CA ASP A 54 -19.66 10.57 3.80
C ASP A 54 -19.06 9.27 3.28
N THR A 55 -19.08 8.22 4.10
CA THR A 55 -18.47 6.96 3.69
C THR A 55 -19.42 5.87 3.23
N ARG A 56 -18.93 5.11 2.27
CA ARG A 56 -19.65 4.00 1.67
C ARG A 56 -18.65 2.84 1.59
N LEU A 57 -19.08 1.64 2.00
CA LEU A 57 -18.20 0.48 1.95
C LEU A 57 -18.30 -0.23 0.60
N GLU A 58 -17.16 -0.61 0.05
CA GLU A 58 -17.11 -1.31 -1.24
C GLU A 58 -16.46 -2.68 -1.07
N ARG A 59 -17.24 -3.74 -1.21
CA ARG A 59 -16.71 -5.10 -1.09
C ARG A 59 -16.37 -5.57 -2.50
N VAL A 60 -15.11 -5.94 -2.73
CA VAL A 60 -14.65 -6.37 -4.05
C VAL A 60 -14.73 -7.89 -4.32
N PHE A 61 -14.61 -8.69 -3.27
CA PHE A 61 -14.70 -10.14 -3.39
C PHE A 61 -14.74 -10.76 -2.01
N ASP A 62 -15.20 -12.01 -1.92
CA ASP A 62 -15.29 -12.72 -0.64
C ASP A 62 -13.97 -13.30 -0.17
N GLY A 63 -13.46 -12.77 0.94
CA GLY A 63 -12.20 -13.23 1.50
C GLY A 63 -12.08 -14.71 1.86
N LYS A 64 -13.21 -15.33 2.20
CA LYS A 64 -13.22 -16.74 2.57
C LYS A 64 -13.08 -17.60 1.32
N VAL A 65 -13.78 -17.20 0.26
CA VAL A 65 -13.74 -17.92 -1.00
C VAL A 65 -12.35 -17.80 -1.60
N VAL A 66 -11.82 -16.59 -1.59
CA VAL A 66 -10.48 -16.34 -2.13
C VAL A 66 -9.43 -17.11 -1.32
N GLU A 67 -9.55 -17.06 0.01
CA GLU A 67 -8.62 -17.77 0.87
C GLU A 67 -8.67 -19.25 0.53
N ALA A 68 -9.87 -19.81 0.46
CA ALA A 68 -10.06 -21.22 0.15
C ALA A 68 -9.33 -21.57 -1.14
N ARG A 69 -9.61 -20.81 -2.19
CA ARG A 69 -8.97 -21.05 -3.49
C ARG A 69 -7.46 -20.90 -3.39
N LYS A 70 -7.00 -19.99 -2.53
CA LYS A 70 -5.56 -19.78 -2.38
C LYS A 70 -4.86 -20.97 -1.72
N ALA A 71 -5.25 -21.27 -0.49
CA ALA A 71 -4.66 -22.36 0.28
C ALA A 71 -4.61 -23.72 -0.41
N SER A 72 -5.43 -23.93 -1.43
CA SER A 72 -5.44 -25.22 -2.09
C SER A 72 -4.64 -25.38 -3.39
N ASP A 73 -4.71 -24.39 -4.28
CA ASP A 73 -4.05 -24.47 -5.57
C ASP A 73 -2.57 -24.08 -5.66
N ASN A 74 -1.68 -25.00 -5.28
CA ASN A 74 -0.23 -24.73 -5.36
C ASN A 74 0.21 -24.74 -6.83
N GLY A 75 -0.66 -25.27 -7.69
CA GLY A 75 -0.36 -25.34 -9.12
C GLY A 75 -0.28 -23.98 -9.80
N ASP A 76 -0.85 -22.96 -9.17
CA ASP A 76 -0.83 -21.60 -9.70
C ASP A 76 0.54 -20.97 -9.47
N ARG A 77 1.44 -21.16 -10.44
CA ARG A 77 2.81 -20.65 -10.39
C ARG A 77 3.37 -20.49 -11.79
N ILE A 78 4.33 -19.60 -11.94
CA ILE A 78 4.99 -19.38 -13.22
C ILE A 78 6.45 -19.10 -12.89
N GLY A 79 7.18 -20.17 -12.62
CA GLY A 79 8.59 -20.03 -12.27
C GLY A 79 8.66 -19.99 -10.76
N ARG A 80 9.22 -18.92 -10.22
CA ARG A 80 9.32 -18.74 -8.77
C ARG A 80 8.05 -18.05 -8.32
N VAL A 81 7.52 -17.21 -9.19
CA VAL A 81 6.31 -16.45 -8.93
C VAL A 81 5.18 -17.38 -8.51
N LYS A 82 4.53 -17.04 -7.40
CA LYS A 82 3.44 -17.84 -6.86
C LYS A 82 2.10 -17.13 -6.97
N ARG A 83 1.10 -17.89 -7.40
CA ARG A 83 -0.26 -17.41 -7.55
C ARG A 83 -0.44 -16.19 -8.48
N PRO A 84 0.18 -16.22 -9.67
CA PRO A 84 0.02 -15.09 -10.57
C PRO A 84 -1.41 -14.99 -11.12
N ARG A 85 -2.01 -16.14 -11.41
CA ARG A 85 -3.37 -16.18 -11.93
C ARG A 85 -4.35 -15.63 -10.90
N LEU A 86 -4.28 -16.14 -9.68
CA LEU A 86 -5.17 -15.70 -8.60
C LEU A 86 -4.95 -14.21 -8.36
N THR A 87 -3.68 -13.82 -8.23
CA THR A 87 -3.32 -12.42 -7.98
C THR A 87 -3.82 -11.51 -9.08
N ALA A 88 -3.61 -11.93 -10.33
CA ALA A 88 -4.03 -11.13 -11.47
C ALA A 88 -5.54 -10.91 -11.50
N GLU A 89 -6.30 -11.94 -11.16
CA GLU A 89 -7.77 -11.85 -11.15
C GLU A 89 -8.30 -10.94 -10.06
N CYS A 90 -7.75 -11.08 -8.86
CA CYS A 90 -8.20 -10.26 -7.75
C CYS A 90 -7.81 -8.79 -7.87
N THR A 91 -6.59 -8.51 -8.32
CA THR A 91 -6.15 -7.13 -8.44
C THR A 91 -6.82 -6.40 -9.60
N GLU A 92 -7.30 -7.14 -10.60
CA GLU A 92 -8.02 -6.50 -11.70
C GLU A 92 -9.38 -6.05 -11.14
N LYS A 93 -9.93 -6.87 -10.24
CA LYS A 93 -11.20 -6.58 -9.60
C LYS A 93 -11.08 -5.30 -8.76
N ILE A 94 -9.99 -5.19 -8.02
CA ILE A 94 -9.74 -4.01 -7.19
C ILE A 94 -9.53 -2.79 -8.10
N TYR A 95 -8.80 -2.98 -9.19
CA TYR A 95 -8.54 -1.91 -10.14
C TYR A 95 -9.88 -1.35 -10.64
N LYS A 96 -10.73 -2.24 -11.13
CA LYS A 96 -12.04 -1.82 -11.63
C LYS A 96 -12.84 -1.11 -10.55
N CYS A 97 -12.79 -1.62 -9.33
CA CYS A 97 -13.53 -0.98 -8.25
C CYS A 97 -12.96 0.41 -7.98
N VAL A 98 -11.67 0.48 -7.71
CA VAL A 98 -11.04 1.76 -7.42
C VAL A 98 -11.16 2.77 -8.56
N ARG A 99 -11.05 2.31 -9.80
CA ARG A 99 -11.18 3.21 -10.94
C ARG A 99 -12.57 3.85 -10.97
N ARG A 100 -13.58 3.04 -10.64
CA ARG A 100 -14.97 3.46 -10.61
C ARG A 100 -15.21 4.42 -9.45
N VAL A 101 -14.65 4.09 -8.28
CA VAL A 101 -14.77 4.92 -7.09
C VAL A 101 -14.23 6.33 -7.37
N ALA A 102 -13.11 6.39 -8.08
CA ALA A 102 -12.46 7.65 -8.41
C ALA A 102 -13.20 8.43 -9.49
N GLU A 103 -13.82 7.72 -10.42
CA GLU A 103 -14.57 8.36 -11.49
C GLU A 103 -15.84 8.99 -10.90
N GLN A 104 -16.40 8.35 -9.88
CA GLN A 104 -17.60 8.85 -9.21
C GLN A 104 -17.23 10.07 -8.35
N GLY A 105 -15.97 10.45 -8.37
CA GLY A 105 -15.51 11.59 -7.60
C GLY A 105 -15.37 11.33 -6.10
N ARG A 106 -15.28 10.07 -5.70
CA ARG A 106 -15.13 9.70 -4.30
C ARG A 106 -13.68 9.37 -3.98
N PHE A 107 -13.28 9.58 -2.72
CA PHE A 107 -11.92 9.28 -2.27
C PHE A 107 -11.82 7.80 -1.97
N PRO A 108 -10.95 7.06 -2.69
CA PRO A 108 -10.84 5.64 -2.40
C PRO A 108 -9.81 5.32 -1.32
N LEU A 109 -10.28 4.74 -0.21
CA LEU A 109 -9.43 4.34 0.91
C LEU A 109 -9.45 2.82 0.91
N THR A 110 -8.40 2.21 0.39
CA THR A 110 -8.32 0.76 0.29
C THR A 110 -7.58 0.13 1.47
N ILE A 111 -8.22 -0.87 2.09
CA ILE A 111 -7.66 -1.58 3.24
C ILE A 111 -7.36 -3.02 2.86
N GLY A 112 -6.09 -3.41 2.96
CA GLY A 112 -5.69 -4.76 2.62
C GLY A 112 -5.70 -5.69 3.81
N GLY A 113 -5.25 -6.93 3.63
CA GLY A 113 -4.74 -7.37 2.34
C GLY A 113 -3.25 -7.11 2.22
N ASP A 114 -2.54 -7.93 1.45
CA ASP A 114 -1.11 -7.72 1.30
C ASP A 114 -0.88 -6.65 0.24
N HIS A 115 0.35 -6.16 0.15
CA HIS A 115 0.63 -5.07 -0.78
C HIS A 115 0.47 -5.35 -2.26
N SER A 116 0.19 -6.60 -2.64
CA SER A 116 -0.01 -6.88 -4.05
C SER A 116 -1.29 -6.17 -4.52
N ILE A 117 -2.15 -5.79 -3.58
CA ILE A 117 -3.40 -5.10 -3.95
C ILE A 117 -3.14 -3.73 -4.55
N ALA A 118 -1.97 -3.15 -4.27
CA ALA A 118 -1.62 -1.84 -4.80
C ALA A 118 -1.53 -1.88 -6.33
N LEU A 119 -1.52 -3.10 -6.87
CA LEU A 119 -1.48 -3.28 -8.33
C LEU A 119 -2.79 -2.73 -8.88
N GLY A 120 -3.87 -2.98 -8.15
CA GLY A 120 -5.18 -2.49 -8.57
C GLY A 120 -5.45 -1.06 -8.10
N THR A 121 -5.00 -0.70 -6.91
CA THR A 121 -5.27 0.65 -6.41
C THR A 121 -4.56 1.74 -7.18
N VAL A 122 -3.26 1.60 -7.37
CA VAL A 122 -2.49 2.59 -8.09
C VAL A 122 -2.98 2.71 -9.54
N ALA A 123 -3.25 1.57 -10.18
CA ALA A 123 -3.73 1.59 -11.56
C ALA A 123 -5.09 2.27 -11.62
N GLY A 124 -5.94 1.98 -10.63
CA GLY A 124 -7.26 2.58 -10.59
C GLY A 124 -7.18 4.09 -10.43
N VAL A 125 -6.40 4.56 -9.46
CA VAL A 125 -6.26 6.00 -9.20
C VAL A 125 -5.59 6.78 -10.33
N LEU A 126 -4.47 6.27 -10.84
CA LEU A 126 -3.75 6.93 -11.93
C LEU A 126 -4.57 6.94 -13.22
N SER A 127 -5.53 6.03 -13.34
CA SER A 127 -6.38 5.98 -14.52
C SER A 127 -7.28 7.21 -14.54
N VAL A 128 -7.67 7.68 -13.36
CA VAL A 128 -8.53 8.86 -13.28
C VAL A 128 -7.68 10.12 -13.08
N HIS A 129 -6.64 10.02 -12.27
CA HIS A 129 -5.74 11.14 -12.00
C HIS A 129 -4.37 10.77 -12.58
N PRO A 130 -4.25 10.82 -13.91
CA PRO A 130 -3.04 10.50 -14.66
C PRO A 130 -1.73 11.16 -14.22
N ASP A 131 -1.81 12.33 -13.60
CA ASP A 131 -0.61 13.02 -13.15
C ASP A 131 -0.43 12.92 -11.64
N ALA A 132 -1.11 11.96 -11.01
CA ALA A 132 -1.02 11.74 -9.58
C ALA A 132 0.35 11.18 -9.18
N GLY A 133 0.93 11.71 -8.12
CA GLY A 133 2.20 11.20 -7.64
C GLY A 133 1.91 10.05 -6.70
N VAL A 134 2.89 9.17 -6.47
CA VAL A 134 2.71 8.02 -5.57
C VAL A 134 3.77 7.91 -4.49
N ILE A 135 3.37 8.06 -3.24
CA ILE A 135 4.29 7.93 -2.10
C ILE A 135 4.15 6.51 -1.52
N TRP A 136 5.22 5.72 -1.64
CA TRP A 136 5.23 4.34 -1.17
C TRP A 136 5.92 4.28 0.18
N VAL A 137 5.13 4.23 1.25
CA VAL A 137 5.65 4.17 2.61
C VAL A 137 5.85 2.69 2.92
N ASP A 138 7.11 2.28 2.98
CA ASP A 138 7.38 0.86 3.15
C ASP A 138 8.82 0.62 3.59
N ALA A 139 9.06 -0.50 4.26
CA ALA A 139 10.42 -0.85 4.64
C ALA A 139 11.05 -1.51 3.39
N HIS A 140 10.18 -1.93 2.47
CA HIS A 140 10.61 -2.60 1.24
C HIS A 140 10.29 -1.80 -0.03
N ALA A 141 11.05 -2.05 -1.09
CA ALA A 141 10.87 -1.36 -2.36
C ALA A 141 9.75 -1.98 -3.21
N ASP A 142 9.39 -3.22 -2.88
CA ASP A 142 8.31 -3.92 -3.58
C ASP A 142 8.41 -3.74 -5.09
N ILE A 143 9.60 -3.90 -5.64
CA ILE A 143 9.78 -3.69 -7.06
C ILE A 143 10.52 -4.83 -7.75
N ASN A 144 10.55 -5.99 -7.09
CA ASN A 144 11.19 -7.15 -7.68
C ASN A 144 10.47 -7.52 -8.97
N THR A 145 11.24 -7.90 -9.98
CA THR A 145 10.68 -8.29 -11.27
C THR A 145 10.26 -9.75 -11.23
N MET A 146 9.49 -10.15 -12.24
CA MET A 146 9.01 -11.52 -12.35
C MET A 146 10.17 -12.51 -12.32
N SER A 147 11.17 -12.28 -13.18
CA SER A 147 12.32 -13.15 -13.24
C SER A 147 13.37 -12.82 -12.17
N GLY A 148 13.19 -11.69 -11.50
CA GLY A 148 14.12 -11.30 -10.46
C GLY A 148 13.76 -11.72 -9.06
N THR A 149 12.48 -11.91 -8.78
CA THR A 149 12.06 -12.30 -7.44
C THR A 149 12.58 -13.66 -7.02
N VAL A 150 13.13 -13.73 -5.81
CA VAL A 150 13.66 -14.98 -5.29
C VAL A 150 12.56 -15.73 -4.55
N SER A 151 11.80 -15.01 -3.73
CA SER A 151 10.71 -15.59 -2.96
C SER A 151 9.49 -15.88 -3.84
N GLY A 152 9.32 -15.12 -4.90
CA GLY A 152 8.18 -15.32 -5.78
C GLY A 152 6.90 -14.73 -5.20
N ASN A 153 6.96 -14.17 -3.99
CA ASN A 153 5.79 -13.56 -3.37
C ASN A 153 5.50 -12.24 -4.07
N LEU A 154 4.36 -12.19 -4.76
CA LEU A 154 3.98 -11.02 -5.53
C LEU A 154 3.74 -9.72 -4.76
N HIS A 155 3.57 -9.78 -3.45
CA HIS A 155 3.37 -8.55 -2.71
C HIS A 155 4.66 -7.73 -2.69
N GLY A 156 5.76 -8.33 -3.17
CA GLY A 156 7.02 -7.64 -3.25
C GLY A 156 7.39 -7.32 -4.70
N CYS A 157 6.40 -7.40 -5.59
CA CYS A 157 6.59 -7.13 -7.02
C CYS A 157 5.59 -6.17 -7.68
N PRO A 158 4.65 -5.59 -6.91
CA PRO A 158 3.69 -4.68 -7.58
C PRO A 158 4.28 -3.55 -8.42
N LEU A 159 5.22 -2.80 -7.88
CA LEU A 159 5.80 -1.67 -8.60
C LEU A 159 6.54 -2.04 -9.90
N SER A 160 7.05 -3.27 -9.98
CA SER A 160 7.75 -3.68 -11.20
C SER A 160 6.70 -3.86 -12.31
N ILE A 161 5.55 -4.43 -11.95
CA ILE A 161 4.47 -4.66 -12.89
C ILE A 161 3.79 -3.33 -13.29
N LEU A 162 3.63 -2.43 -12.33
CA LEU A 162 3.01 -1.12 -12.60
C LEU A 162 3.88 -0.27 -13.52
N LEU A 163 5.20 -0.42 -13.40
CA LEU A 163 6.15 0.33 -14.22
C LEU A 163 6.47 -0.42 -15.51
N GLY A 164 5.92 -1.63 -15.63
CA GLY A 164 6.14 -2.44 -16.83
C GLY A 164 7.58 -2.85 -17.04
N LEU A 165 8.24 -3.25 -15.96
CA LEU A 165 9.63 -3.68 -16.04
C LEU A 165 9.62 -5.18 -16.34
N ASP A 166 10.63 -5.63 -17.07
CA ASP A 166 10.77 -7.04 -17.42
C ASP A 166 9.51 -7.51 -18.15
N ARG A 167 8.98 -6.63 -18.99
CA ARG A 167 7.77 -6.88 -19.76
C ARG A 167 7.68 -8.34 -20.22
N GLU A 168 8.59 -8.68 -21.12
CA GLU A 168 8.68 -10.02 -21.69
C GLU A 168 8.46 -11.19 -20.74
N ASN A 169 8.64 -10.99 -19.44
CA ASN A 169 8.44 -12.09 -18.48
C ASN A 169 7.22 -11.97 -17.58
N ILE A 170 6.38 -10.98 -17.86
CA ILE A 170 5.16 -10.80 -17.07
C ILE A 170 4.06 -11.61 -17.75
N PRO A 171 3.35 -12.45 -16.97
CA PRO A 171 2.27 -13.32 -17.47
C PRO A 171 1.19 -12.62 -18.29
N GLU A 172 0.43 -13.42 -19.02
CA GLU A 172 -0.66 -12.89 -19.84
C GLU A 172 -1.79 -12.43 -18.91
N CYS A 173 -1.98 -13.16 -17.81
CA CYS A 173 -3.02 -12.82 -16.84
C CYS A 173 -2.89 -11.41 -16.27
N PHE A 174 -1.80 -10.72 -16.61
CA PHE A 174 -1.57 -9.35 -16.15
C PHE A 174 -1.69 -8.35 -17.29
N SER A 175 -2.13 -8.86 -18.44
CA SER A 175 -2.29 -8.04 -19.62
C SER A 175 -3.22 -6.86 -19.35
N TRP A 176 -4.09 -7.00 -18.36
CA TRP A 176 -5.05 -5.95 -18.03
C TRP A 176 -4.45 -4.69 -17.42
N VAL A 177 -3.24 -4.79 -16.86
CA VAL A 177 -2.62 -3.64 -16.21
C VAL A 177 -2.27 -2.45 -17.11
N PRO A 178 -2.93 -1.30 -16.88
CA PRO A 178 -2.61 -0.14 -17.72
C PRO A 178 -1.22 0.39 -17.35
N GLN A 179 -0.52 0.95 -18.33
CA GLN A 179 0.80 1.51 -18.10
C GLN A 179 0.64 3.00 -17.86
N VAL A 180 0.39 3.38 -16.61
CA VAL A 180 0.19 4.78 -16.27
C VAL A 180 1.20 5.36 -15.29
N LEU A 181 1.92 4.51 -14.58
CA LEU A 181 2.90 5.01 -13.61
C LEU A 181 4.32 5.06 -14.17
N LYS A 182 4.93 6.24 -14.09
CA LYS A 182 6.29 6.45 -14.55
C LYS A 182 7.19 6.57 -13.32
N PRO A 183 8.44 6.12 -13.43
CA PRO A 183 9.43 6.15 -12.35
C PRO A 183 9.62 7.48 -11.62
N ASN A 184 9.41 8.59 -12.32
CA ASN A 184 9.58 9.91 -11.72
C ASN A 184 8.35 10.37 -10.95
N LYS A 185 7.35 9.51 -10.85
CA LYS A 185 6.13 9.86 -10.12
C LYS A 185 5.92 8.93 -8.92
N ILE A 186 6.98 8.28 -8.48
CA ILE A 186 6.90 7.40 -7.33
C ILE A 186 8.04 7.74 -6.38
N ALA A 187 7.73 7.85 -5.09
CA ALA A 187 8.73 8.18 -4.09
C ALA A 187 8.57 7.26 -2.88
N TYR A 188 9.69 6.73 -2.40
CA TYR A 188 9.65 5.84 -1.26
C TYR A 188 10.00 6.55 0.05
N ILE A 189 9.42 6.08 1.14
CA ILE A 189 9.76 6.63 2.45
C ILE A 189 9.87 5.51 3.48
N GLY A 190 11.03 5.44 4.14
CA GLY A 190 11.25 4.44 5.18
C GLY A 190 11.96 3.16 4.80
N LEU A 191 12.57 3.13 3.62
CA LEU A 191 13.27 1.93 3.14
C LEU A 191 14.42 1.43 4.00
N ARG A 192 14.49 0.12 4.17
CA ARG A 192 15.56 -0.49 4.96
C ARG A 192 15.82 -1.98 4.70
N ALA A 193 15.10 -2.55 3.73
CA ALA A 193 15.28 -3.96 3.41
C ALA A 193 15.10 -4.14 1.91
N VAL A 194 15.93 -3.44 1.14
CA VAL A 194 15.89 -3.49 -0.30
C VAL A 194 16.82 -4.60 -0.80
N ASP A 195 16.31 -5.43 -1.71
CA ASP A 195 17.10 -6.52 -2.27
C ASP A 195 18.09 -5.89 -3.26
N ASP A 196 19.23 -6.54 -3.45
CA ASP A 196 20.24 -6.01 -4.35
C ASP A 196 19.72 -5.68 -5.74
N GLU A 197 18.89 -6.56 -6.27
CA GLU A 197 18.31 -6.34 -7.60
C GLU A 197 17.51 -5.04 -7.57
N GLU A 198 16.76 -4.85 -6.47
CA GLU A 198 15.94 -3.66 -6.32
C GLU A 198 16.78 -2.40 -6.17
N LYS A 199 17.95 -2.51 -5.53
CA LYS A 199 18.80 -1.35 -5.36
C LYS A 199 19.25 -0.87 -6.74
N LYS A 200 19.67 -1.82 -7.57
CA LYS A 200 20.11 -1.49 -8.93
C LYS A 200 18.99 -0.82 -9.72
N ILE A 201 17.78 -1.36 -9.62
CA ILE A 201 16.61 -0.80 -10.32
C ILE A 201 16.32 0.64 -9.94
N LEU A 202 16.26 0.92 -8.63
CA LEU A 202 16.00 2.28 -8.16
C LEU A 202 17.07 3.22 -8.67
N HIS A 203 18.32 2.77 -8.60
CA HIS A 203 19.43 3.58 -9.06
C HIS A 203 19.40 3.81 -10.58
N ASP A 204 19.07 2.78 -11.34
CA ASP A 204 19.02 2.89 -12.79
C ASP A 204 17.86 3.75 -13.25
N LEU A 205 16.73 3.65 -12.57
CA LEU A 205 15.56 4.43 -12.97
C LEU A 205 15.50 5.75 -12.22
N ASN A 206 16.51 5.97 -11.38
CA ASN A 206 16.59 7.19 -10.59
C ASN A 206 15.28 7.48 -9.85
N ILE A 207 14.76 6.46 -9.16
CA ILE A 207 13.53 6.61 -8.38
C ILE A 207 13.88 7.38 -7.10
N ALA A 208 13.02 8.31 -6.70
CA ALA A 208 13.26 9.07 -5.47
C ALA A 208 12.98 8.15 -4.28
N ALA A 209 14.03 7.67 -3.63
CA ALA A 209 13.88 6.77 -2.50
C ALA A 209 14.53 7.32 -1.24
N PHE A 210 13.73 7.46 -0.19
CA PHE A 210 14.22 7.98 1.08
C PHE A 210 14.21 6.86 2.11
N SER A 211 15.40 6.34 2.40
CA SER A 211 15.56 5.24 3.35
C SER A 211 15.58 5.73 4.79
N MET A 212 15.75 4.82 5.74
CA MET A 212 15.82 5.20 7.15
C MET A 212 17.05 6.06 7.38
N HIS A 213 18.02 6.00 6.44
CA HIS A 213 19.24 6.80 6.53
C HIS A 213 18.88 8.28 6.38
N HIS A 214 18.01 8.58 5.43
CA HIS A 214 17.60 9.96 5.22
C HIS A 214 16.75 10.46 6.38
N VAL A 215 15.89 9.59 6.91
CA VAL A 215 15.06 9.99 8.04
C VAL A 215 15.98 10.27 9.23
N ASP A 216 16.96 9.40 9.45
CA ASP A 216 17.92 9.57 10.54
C ASP A 216 18.78 10.80 10.33
N ARG A 217 19.07 11.08 9.06
CA ARG A 217 19.93 12.20 8.68
C ARG A 217 19.21 13.55 8.67
N TYR A 218 18.04 13.60 8.05
CA TYR A 218 17.29 14.86 7.93
C TYR A 218 16.06 15.05 8.80
N GLY A 219 15.56 13.97 9.40
CA GLY A 219 14.37 14.09 10.22
C GLY A 219 13.17 13.82 9.31
N ILE A 220 12.10 13.26 9.86
CA ILE A 220 10.91 12.93 9.07
C ILE A 220 10.25 14.09 8.34
N ASP A 221 10.19 15.25 8.97
CA ASP A 221 9.55 16.39 8.33
C ASP A 221 10.21 16.71 7.00
N LYS A 222 11.53 16.78 6.98
CA LYS A 222 12.28 17.08 5.77
C LYS A 222 12.09 16.00 4.70
N VAL A 223 12.07 14.73 5.11
CA VAL A 223 11.89 13.63 4.17
C VAL A 223 10.53 13.69 3.49
N VAL A 224 9.48 13.92 4.26
CA VAL A 224 8.14 13.99 3.71
C VAL A 224 8.06 15.16 2.74
N SER A 225 8.67 16.28 3.11
CA SER A 225 8.66 17.42 2.23
C SER A 225 9.35 17.07 0.92
N MET A 226 10.51 16.42 1.02
CA MET A 226 11.27 16.03 -0.17
C MET A 226 10.50 15.04 -1.04
N ALA A 227 9.85 14.06 -0.38
CA ALA A 227 9.06 13.04 -1.08
C ALA A 227 7.86 13.64 -1.83
N ILE A 228 7.16 14.58 -1.21
CA ILE A 228 6.02 15.20 -1.84
C ILE A 228 6.48 16.02 -3.06
N GLU A 229 7.56 16.78 -2.90
CA GLU A 229 8.07 17.59 -4.00
C GLU A 229 8.53 16.76 -5.19
N ALA A 230 9.19 15.63 -4.91
CA ALA A 230 9.72 14.73 -5.94
C ALA A 230 8.68 14.23 -6.93
N VAL A 231 7.44 14.06 -6.49
CA VAL A 231 6.38 13.58 -7.36
C VAL A 231 5.41 14.69 -7.75
N SER A 232 5.64 15.88 -7.20
CA SER A 232 4.80 17.04 -7.47
C SER A 232 5.63 18.21 -8.01
N PRO A 233 6.23 18.02 -9.21
CA PRO A 233 7.06 19.03 -9.87
C PRO A 233 6.21 20.06 -10.63
N LYS A 234 5.23 19.54 -11.36
CA LYS A 234 4.32 20.35 -12.16
C LYS A 234 3.62 21.38 -11.29
N GLY A 235 4.26 21.72 -10.17
CA GLY A 235 3.68 22.67 -9.24
C GLY A 235 3.08 21.92 -8.07
N THR A 236 1.83 21.51 -8.24
CA THR A 236 1.11 20.79 -7.22
C THR A 236 0.03 19.89 -7.82
N GLU A 237 0.35 18.61 -7.96
CA GLU A 237 -0.56 17.63 -8.53
C GLU A 237 -1.16 16.69 -7.46
N PRO A 238 -2.09 15.81 -7.86
CA PRO A 238 -2.69 14.89 -6.88
C PRO A 238 -1.63 13.98 -6.27
N VAL A 239 -1.88 13.52 -5.06
CA VAL A 239 -0.95 12.63 -4.41
C VAL A 239 -1.69 11.43 -3.85
N MET A 240 -1.08 10.27 -4.01
CA MET A 240 -1.64 9.05 -3.50
C MET A 240 -0.62 8.44 -2.58
N VAL A 241 -1.08 7.79 -1.51
CA VAL A 241 -0.17 7.15 -0.58
C VAL A 241 -0.54 5.68 -0.40
N SER A 242 0.43 4.79 -0.62
CA SER A 242 0.20 3.36 -0.42
C SER A 242 1.04 3.05 0.83
N TYR A 243 0.36 2.85 1.95
CA TYR A 243 1.03 2.65 3.24
C TYR A 243 1.17 1.21 3.76
N ASP A 244 2.39 0.69 3.74
CA ASP A 244 2.67 -0.64 4.24
C ASP A 244 3.00 -0.44 5.72
N VAL A 245 2.23 -1.09 6.60
CA VAL A 245 2.45 -0.93 8.03
C VAL A 245 3.80 -1.48 8.55
N ASP A 246 4.50 -2.27 7.75
CA ASP A 246 5.78 -2.78 8.22
C ASP A 246 6.86 -1.72 8.10
N THR A 247 6.46 -0.50 7.77
CA THR A 247 7.39 0.62 7.67
C THR A 247 7.69 1.04 9.10
N ILE A 248 6.70 0.85 9.96
CA ILE A 248 6.77 1.21 11.36
C ILE A 248 7.55 0.12 12.08
N ASP A 249 8.44 0.52 12.99
CA ASP A 249 9.25 -0.45 13.70
C ASP A 249 8.38 -1.51 14.36
N PRO A 250 8.73 -2.79 14.19
CA PRO A 250 7.97 -3.90 14.76
C PRO A 250 7.54 -3.71 16.21
N LEU A 251 8.33 -3.01 16.99
CA LEU A 251 7.97 -2.79 18.38
C LEU A 251 6.74 -1.91 18.49
N TYR A 252 6.17 -1.52 17.35
CA TYR A 252 4.96 -0.70 17.28
C TYR A 252 3.94 -1.43 16.42
N VAL A 253 4.44 -2.14 15.41
CA VAL A 253 3.60 -2.90 14.50
C VAL A 253 4.15 -4.32 14.41
N PRO A 254 3.90 -5.13 15.45
CA PRO A 254 4.36 -6.52 15.56
C PRO A 254 3.63 -7.46 14.60
N ALA A 255 2.30 -7.35 14.58
CA ALA A 255 1.44 -8.18 13.74
C ALA A 255 1.50 -7.80 12.26
N THR A 256 2.59 -8.18 11.61
CA THR A 256 2.77 -7.92 10.18
C THR A 256 3.62 -9.07 9.63
N GLY A 257 3.50 -9.33 8.33
CA GLY A 257 4.21 -10.44 7.73
C GLY A 257 5.71 -10.31 7.51
N THR A 258 6.19 -9.10 7.26
CA THR A 258 7.61 -8.87 6.99
C THR A 258 8.19 -7.74 7.85
N PRO A 259 8.34 -7.98 9.16
CA PRO A 259 8.89 -6.97 10.06
C PRO A 259 10.41 -6.82 9.96
N VAL A 260 10.88 -5.59 10.02
CA VAL A 260 12.30 -5.28 9.97
C VAL A 260 12.57 -4.22 11.03
N ARG A 261 13.52 -4.49 11.92
CA ARG A 261 13.86 -3.56 12.99
C ARG A 261 14.57 -2.31 12.50
N GLY A 262 14.42 -1.22 13.25
CA GLY A 262 15.03 0.05 12.88
C GLY A 262 14.11 0.84 11.97
N GLY A 263 12.81 0.74 12.20
CA GLY A 263 11.87 1.47 11.36
C GLY A 263 11.37 2.76 11.99
N LEU A 264 10.30 3.29 11.39
CA LEU A 264 9.70 4.52 11.88
C LEU A 264 9.13 4.29 13.27
N SER A 265 9.14 5.35 14.07
CA SER A 265 8.57 5.28 15.40
C SER A 265 7.09 5.51 15.21
N PHE A 266 6.30 5.21 16.23
CA PHE A 266 4.86 5.44 16.15
C PHE A 266 4.61 6.92 15.84
N ARG A 267 5.39 7.80 16.46
CA ARG A 267 5.24 9.24 16.24
C ARG A 267 5.53 9.66 14.80
N GLU A 268 6.65 9.20 14.24
CA GLU A 268 7.00 9.56 12.86
C GLU A 268 5.99 8.97 11.88
N ALA A 269 5.54 7.75 12.19
CA ALA A 269 4.58 7.06 11.34
C ALA A 269 3.29 7.87 11.21
N LEU A 270 2.87 8.50 12.31
CA LEU A 270 1.65 9.30 12.32
C LEU A 270 1.89 10.75 11.89
N PHE A 271 3.08 11.27 12.19
CA PHE A 271 3.41 12.63 11.80
C PHE A 271 3.42 12.77 10.28
N LEU A 272 3.96 11.77 9.61
CA LEU A 272 4.02 11.72 8.15
C LEU A 272 2.61 11.89 7.58
N CYS A 273 1.64 11.23 8.21
CA CYS A 273 0.25 11.31 7.78
C CYS A 273 -0.28 12.75 7.93
N GLU A 274 0.03 13.38 9.06
CA GLU A 274 -0.43 14.74 9.31
C GLU A 274 0.14 15.73 8.30
N ARG A 275 1.40 15.53 7.90
CA ARG A 275 2.04 16.40 6.94
C ARG A 275 1.42 16.24 5.56
N ILE A 276 1.12 15.00 5.20
CA ILE A 276 0.49 14.72 3.91
C ILE A 276 -0.92 15.31 3.91
N ALA A 277 -1.65 15.09 4.99
CA ALA A 277 -3.00 15.61 5.12
C ALA A 277 -2.94 17.12 4.91
N GLU A 278 -2.03 17.73 5.66
CA GLU A 278 -1.80 19.16 5.62
C GLU A 278 -1.58 19.76 4.22
N CYS A 279 -0.96 19.01 3.31
CA CYS A 279 -0.73 19.56 1.97
C CYS A 279 -2.02 19.67 1.17
N GLY A 280 -3.05 18.95 1.64
CA GLY A 280 -4.34 19.00 0.97
C GLY A 280 -4.49 18.41 -0.43
N ARG A 281 -3.55 17.61 -0.89
CA ARG A 281 -3.65 17.01 -2.22
C ARG A 281 -3.77 15.48 -2.26
N LEU A 282 -3.97 14.86 -1.11
CA LEU A 282 -4.12 13.40 -1.03
C LEU A 282 -5.39 13.02 -1.79
N VAL A 283 -5.27 12.10 -2.73
CA VAL A 283 -6.43 11.70 -3.53
C VAL A 283 -6.83 10.23 -3.31
N ALA A 284 -5.95 9.47 -2.69
CA ALA A 284 -6.23 8.06 -2.42
C ALA A 284 -5.28 7.56 -1.34
N LEU A 285 -5.64 6.47 -0.68
CA LEU A 285 -4.81 5.91 0.36
C LEU A 285 -4.99 4.41 0.49
N ASP A 286 -3.88 3.67 0.62
CA ASP A 286 -3.94 2.23 0.85
C ASP A 286 -3.29 2.00 2.21
N VAL A 287 -3.89 1.15 3.03
CA VAL A 287 -3.31 0.80 4.32
C VAL A 287 -3.21 -0.72 4.22
N VAL A 288 -1.99 -1.23 4.05
CA VAL A 288 -1.84 -2.66 3.85
C VAL A 288 -0.95 -3.44 4.81
N GLU A 289 -0.99 -4.76 4.65
CA GLU A 289 -0.20 -5.72 5.41
C GLU A 289 -0.51 -5.89 6.90
N CYS A 290 -1.73 -5.62 7.33
CA CYS A 290 -2.09 -5.83 8.72
C CYS A 290 -2.52 -7.30 8.83
N ASN A 291 -1.77 -8.10 9.56
CA ASN A 291 -2.07 -9.53 9.72
C ASN A 291 -2.32 -9.87 11.19
N PRO A 292 -3.58 -9.76 11.66
CA PRO A 292 -4.00 -10.05 13.02
C PRO A 292 -3.57 -11.40 13.58
N LEU A 293 -3.52 -12.41 12.71
CA LEU A 293 -3.14 -13.75 13.15
C LEU A 293 -1.66 -13.85 13.54
N LEU A 294 -0.84 -12.97 12.99
CA LEU A 294 0.60 -12.97 13.29
C LEU A 294 0.92 -12.12 14.51
N ALA A 295 0.21 -12.36 15.62
CA ALA A 295 0.44 -11.59 16.84
C ALA A 295 0.67 -12.51 18.03
N ALA A 296 1.61 -12.15 18.89
CA ALA A 296 1.92 -12.95 20.08
C ALA A 296 0.75 -12.87 21.05
N THR A 297 0.59 -11.71 21.67
CA THR A 297 -0.50 -11.50 22.61
C THR A 297 -1.60 -10.73 21.89
N GLU A 298 -2.70 -10.42 22.58
CA GLU A 298 -3.78 -9.67 21.97
C GLU A 298 -3.34 -8.21 21.98
N SER A 299 -2.24 -7.95 22.67
CA SER A 299 -1.68 -6.61 22.78
C SER A 299 -1.04 -6.26 21.44
N HIS A 300 -0.47 -7.27 20.79
CA HIS A 300 0.17 -7.12 19.49
C HIS A 300 -0.88 -6.81 18.42
N VAL A 301 -2.02 -7.48 18.53
CA VAL A 301 -3.12 -7.30 17.60
C VAL A 301 -3.72 -5.90 17.66
N ASN A 302 -4.20 -5.52 18.85
CA ASN A 302 -4.80 -4.21 19.05
C ASN A 302 -3.85 -3.07 18.76
N ASP A 303 -2.54 -3.31 18.92
CA ASP A 303 -1.56 -2.26 18.64
C ASP A 303 -1.41 -2.05 17.15
N THR A 304 -1.48 -3.14 16.39
CA THR A 304 -1.32 -3.04 14.94
C THR A 304 -2.57 -2.52 14.23
N ILE A 305 -3.72 -3.13 14.54
CA ILE A 305 -4.97 -2.71 13.93
C ILE A 305 -5.32 -1.27 14.29
N SER A 306 -5.10 -0.89 15.54
CA SER A 306 -5.40 0.48 15.95
C SER A 306 -4.44 1.44 15.28
N VAL A 307 -3.29 0.94 14.85
CA VAL A 307 -2.32 1.78 14.16
C VAL A 307 -2.86 2.05 12.76
N GLY A 308 -3.43 1.01 12.15
CA GLY A 308 -4.01 1.16 10.81
C GLY A 308 -5.09 2.22 10.81
N CYS A 309 -5.97 2.18 11.81
CA CYS A 309 -7.03 3.16 11.91
C CYS A 309 -6.44 4.52 12.20
N ALA A 310 -5.37 4.55 12.99
CA ALA A 310 -4.70 5.81 13.33
C ALA A 310 -4.13 6.52 12.09
N ILE A 311 -3.47 5.78 11.20
CA ILE A 311 -2.91 6.42 10.02
C ILE A 311 -4.07 6.89 9.15
N ALA A 312 -5.16 6.13 9.16
CA ALA A 312 -6.33 6.50 8.38
C ALA A 312 -6.87 7.84 8.91
N ARG A 313 -7.04 7.93 10.21
CA ARG A 313 -7.55 9.17 10.80
C ARG A 313 -6.65 10.36 10.53
N CYS A 314 -5.34 10.18 10.73
CA CYS A 314 -4.39 11.27 10.52
C CYS A 314 -4.30 11.68 9.06
N MET A 315 -4.36 10.70 8.17
CA MET A 315 -4.30 10.98 6.76
C MET A 315 -5.52 11.75 6.33
N MET A 316 -6.66 11.40 6.93
CA MET A 316 -7.92 12.05 6.58
C MET A 316 -8.26 13.32 7.34
N GLY A 317 -7.26 13.95 7.97
CA GLY A 317 -7.51 15.21 8.66
C GLY A 317 -7.45 15.32 10.17
N GLU A 318 -7.42 14.20 10.88
CA GLU A 318 -7.38 14.26 12.33
C GLU A 318 -6.12 14.92 12.87
N THR A 319 -6.29 15.94 13.71
CA THR A 319 -5.16 16.64 14.29
C THR A 319 -5.19 16.63 15.81
N LEU A 320 -4.04 16.91 16.43
CA LEU A 320 -3.94 16.92 17.88
C LEU A 320 -4.55 18.16 18.49
N LEU A 321 -4.46 19.27 17.77
CA LEU A 321 -5.02 20.53 18.24
C LEU A 321 -6.19 20.97 17.36
N TYR A 322 -6.79 22.10 17.71
CA TYR A 322 -7.92 22.65 16.98
C TYR A 322 -7.63 22.87 15.50
N THR A 323 -8.60 22.54 14.66
CA THR A 323 -8.48 22.74 13.21
C THR A 323 -9.86 23.02 12.63
#